data_2RDG
#
_entry.id   2RDG
#
_cell.length_a   97.031
_cell.length_b   57.945
_cell.length_c   43.462
_cell.angle_alpha   90.00
_cell.angle_beta   101.83
_cell.angle_gamma   90.00
#
_symmetry.space_group_name_H-M   'C 1 2 1'
#
loop_
_entity.id
_entity.type
_entity.pdbx_description
1 polymer 'Superantigen-like protein 11'
2 branched 'N-acetyl-alpha-neuraminic acid-(2-3)-beta-D-galactopyranose-(1-4)-[alpha-L-fucopyranose-(1-3)]2-acetamido-2-deoxy-alpha-D-glucopyranose'
3 non-polymer 'POTASSIUM ION'
4 non-polymer 'CITRIC ACID'
5 water water
#
_entity_poly.entity_id   1
_entity_poly.type   'polypeptide(L)'
_entity_poly.pdbx_seq_one_letter_code
;STLEVRSQATQDLSEYYNRPYFDLRNLSGYREGNTVTFINHYQQTDVKLEGKDKDKIKDGNNENLDVFVVREGSGRQADN
NSIGGITKTNRTQHIDTVQNVNLLVSKSTGQHTTSVTSTNYSIYKEEISLKELDFKLRKHLIDKHDLYKTEPKDSKIRVT
MKNGDFYTFELNKKLQTHRMGDVIDGRNIEKIEVNL
;
_entity_poly.pdbx_strand_id   A
#
loop_
_chem_comp.id
_chem_comp.type
_chem_comp.name
_chem_comp.formula
CIT non-polymer 'CITRIC ACID' 'C6 H8 O7'
FUC L-saccharide, alpha linking alpha-L-fucopyranose 'C6 H12 O5'
GAL D-saccharide, beta linking beta-D-galactopyranose 'C6 H12 O6'
K non-polymer 'POTASSIUM ION' 'K 1'
NDG D-saccharide, alpha linking 2-acetamido-2-deoxy-alpha-D-glucopyranose 'C8 H15 N O6'
SIA D-saccharide, alpha linking 'N-acetyl-alpha-neuraminic acid' 'C11 H19 N O9'
#
# COMPACT_ATOMS: atom_id res chain seq x y z
N VAL A 5 15.92 10.19 -19.64
CA VAL A 5 15.52 8.82 -20.14
C VAL A 5 14.34 8.26 -19.37
N ARG A 6 13.45 7.54 -20.06
CA ARG A 6 12.31 6.87 -19.42
C ARG A 6 12.16 5.47 -20.00
N SER A 7 12.70 4.50 -19.29
CA SER A 7 12.69 3.12 -19.77
C SER A 7 11.28 2.56 -19.75
N GLN A 8 11.09 1.48 -20.49
CA GLN A 8 9.80 0.80 -20.42
C GLN A 8 9.52 0.30 -19.00
N ALA A 9 10.56 -0.13 -18.29
CA ALA A 9 10.41 -0.57 -16.90
C ALA A 9 9.76 0.53 -16.06
N THR A 10 10.24 1.77 -16.22
CA THR A 10 9.67 2.92 -15.50
C THR A 10 8.22 3.18 -15.93
N GLN A 11 7.98 3.10 -17.23
CA GLN A 11 6.64 3.30 -17.75
C GLN A 11 5.67 2.28 -17.16
N ASP A 12 6.15 1.04 -17.01
CA ASP A 12 5.31 -0.03 -16.45
C ASP A 12 4.99 0.23 -14.98
N LEU A 13 5.92 0.86 -14.26
CA LEU A 13 5.67 1.26 -12.86
C LEU A 13 4.60 2.36 -12.80
N SER A 14 4.71 3.34 -13.68
CA SER A 14 3.69 4.37 -13.80
C SER A 14 2.31 3.76 -14.07
N GLU A 15 2.26 2.77 -14.96
CA GLU A 15 1.00 2.09 -15.30
CA GLU A 15 1.00 2.09 -15.30
C GLU A 15 0.42 1.40 -14.07
N TYR A 16 1.26 0.61 -13.39
CA TYR A 16 0.79 -0.13 -12.21
C TYR A 16 0.25 0.82 -11.16
N TYR A 17 1.01 1.85 -10.85
CA TYR A 17 0.67 2.73 -9.74
C TYR A 17 -0.41 3.76 -10.09
N ASN A 18 -0.77 3.79 -11.38
CA ASN A 18 -1.94 4.51 -11.83
C ASN A 18 -3.20 3.64 -11.94
N ARG A 19 -3.11 2.37 -11.50
CA ARG A 19 -4.28 1.48 -11.52
C ARG A 19 -5.40 2.00 -10.62
N PRO A 20 -6.66 1.73 -11.00
CA PRO A 20 -7.77 2.16 -10.16
C PRO A 20 -7.75 1.38 -8.86
N TYR A 21 -8.05 2.09 -7.78
CA TYR A 21 -8.10 1.47 -6.47
C TYR A 21 -9.34 1.95 -5.72
N PHE A 22 -9.72 1.17 -4.71
CA PHE A 22 -10.75 1.61 -3.78
C PHE A 22 -10.60 0.87 -2.47
N ASP A 23 -11.39 1.26 -1.48
CA ASP A 23 -11.33 0.50 -0.26
C ASP A 23 -12.71 0.19 0.26
N LEU A 24 -12.75 -0.87 1.05
CA LEU A 24 -13.95 -1.36 1.69
C LEU A 24 -13.66 -1.40 3.18
N ARG A 25 -14.67 -1.02 3.97
CA ARG A 25 -14.49 -0.80 5.40
C ARG A 25 -15.49 -1.60 6.21
N ASN A 26 -14.99 -2.28 7.26
CA ASN A 26 -15.82 -2.94 8.27
C ASN A 26 -16.87 -3.89 7.67
N LEU A 27 -16.39 -4.90 6.96
CA LEU A 27 -17.28 -5.89 6.35
C LEU A 27 -16.67 -7.27 6.43
N SER A 28 -17.49 -8.28 6.16
CA SER A 28 -17.05 -9.66 6.22
C SER A 28 -16.40 -10.10 4.92
N GLY A 29 -15.40 -10.96 5.05
CA GLY A 29 -14.80 -11.65 3.90
C GLY A 29 -14.85 -13.15 4.14
N TYR A 30 -15.26 -13.89 3.12
CA TYR A 30 -15.40 -15.35 3.21
C TYR A 30 -14.29 -16.04 2.43
N ARG A 31 -13.46 -16.81 3.14
CA ARG A 31 -12.32 -17.46 2.51
C ARG A 31 -12.66 -18.88 2.04
N GLU A 32 -12.43 -19.13 0.75
CA GLU A 32 -12.51 -20.47 0.15
C GLU A 32 -11.18 -20.67 -0.56
N GLY A 33 -10.44 -21.72 -0.21
CA GLY A 33 -9.09 -21.93 -0.75
C GLY A 33 -8.23 -20.75 -0.30
N ASN A 34 -7.63 -20.05 -1.26
CA ASN A 34 -6.82 -18.87 -0.96
C ASN A 34 -7.44 -17.58 -1.48
N THR A 35 -8.77 -17.58 -1.62
CA THR A 35 -9.49 -16.42 -2.14
C THR A 35 -10.51 -15.96 -1.11
N VAL A 36 -10.49 -14.66 -0.82
CA VAL A 36 -11.45 -14.09 0.11
C VAL A 36 -12.47 -13.26 -0.66
N THR A 37 -13.74 -13.57 -0.47
CA THR A 37 -14.81 -12.88 -1.19
C THR A 37 -15.51 -11.86 -0.31
N PHE A 38 -15.60 -10.63 -0.82
CA PHE A 38 -16.27 -9.52 -0.16
C PHE A 38 -17.45 -9.12 -1.00
N ILE A 39 -18.59 -8.89 -0.36
CA ILE A 39 -19.75 -8.38 -1.07
C ILE A 39 -20.19 -7.09 -0.38
N ASN A 40 -20.22 -6.01 -1.15
CA ASN A 40 -20.57 -4.70 -0.64
C ASN A 40 -21.54 -4.04 -1.62
N HIS A 41 -22.75 -3.77 -1.15
CA HIS A 41 -23.85 -3.26 -1.99
C HIS A 41 -24.03 -4.13 -3.24
N TYR A 42 -24.05 -5.44 -3.04
CA TYR A 42 -24.31 -6.44 -4.10
C TYR A 42 -23.21 -6.54 -5.16
N GLN A 43 -22.04 -6.01 -4.85
CA GLN A 43 -20.91 -6.11 -5.75
C GLN A 43 -19.82 -6.93 -5.11
N GLN A 44 -19.28 -7.86 -5.89
CA GLN A 44 -18.32 -8.82 -5.40
C GLN A 44 -16.88 -8.42 -5.71
N THR A 45 -16.04 -8.50 -4.69
CA THR A 45 -14.60 -8.31 -4.84
C THR A 45 -13.90 -9.53 -4.25
N ASP A 46 -13.16 -10.24 -5.09
CA ASP A 46 -12.38 -11.42 -4.69
C ASP A 46 -10.92 -11.04 -4.52
N VAL A 47 -10.35 -11.40 -3.37
CA VAL A 47 -8.97 -11.05 -3.02
C VAL A 47 -8.10 -12.29 -2.82
N LYS A 48 -6.92 -12.29 -3.45
CA LYS A 48 -6.00 -13.42 -3.39
C LYS A 48 -5.06 -13.33 -2.20
N LEU A 49 -4.94 -14.44 -1.45
CA LEU A 49 -3.97 -14.56 -0.37
C LEU A 49 -2.79 -15.35 -0.86
N GLU A 50 -1.61 -14.78 -0.77
CA GLU A 50 -0.42 -15.49 -1.22
C GLU A 50 0.83 -15.28 -0.36
N GLY A 51 0.64 -14.69 0.83
CA GLY A 51 1.76 -14.56 1.76
C GLY A 51 1.39 -15.00 3.16
N LYS A 52 1.94 -14.31 4.16
CA LYS A 52 1.60 -14.53 5.56
C LYS A 52 0.12 -14.35 5.86
N ASP A 53 -0.58 -13.61 4.99
CA ASP A 53 -2.01 -13.42 5.15
C ASP A 53 -2.80 -14.73 5.07
N LYS A 54 -2.20 -15.75 4.46
CA LYS A 54 -2.79 -17.10 4.48
C LYS A 54 -2.92 -17.67 5.90
N ASP A 55 -2.04 -17.24 6.81
CA ASP A 55 -2.12 -17.69 8.20
C ASP A 55 -3.08 -16.83 9.03
N LYS A 56 -3.32 -15.60 8.57
CA LYS A 56 -4.12 -14.60 9.31
C LYS A 56 -5.63 -14.79 9.09
N ILE A 57 -6.00 -15.00 7.84
CA ILE A 57 -7.40 -15.07 7.47
C ILE A 57 -7.85 -16.52 7.67
N LYS A 58 -8.98 -16.69 8.35
CA LYS A 58 -9.51 -18.03 8.63
C LYS A 58 -10.29 -18.56 7.43
N ASP A 59 -10.24 -19.87 7.20
CA ASP A 59 -11.18 -20.51 6.28
C ASP A 59 -12.60 -20.15 6.72
N GLY A 60 -13.44 -19.83 5.75
CA GLY A 60 -14.82 -19.47 6.02
C GLY A 60 -14.96 -17.98 6.30
N ASN A 61 -15.97 -17.64 7.09
CA ASN A 61 -16.29 -16.24 7.33
C ASN A 61 -15.32 -15.55 8.27
N ASN A 62 -14.98 -14.30 7.95
CA ASN A 62 -14.14 -13.43 8.78
C ASN A 62 -14.82 -12.09 8.89
N GLU A 63 -15.20 -11.72 10.10
CA GLU A 63 -16.00 -10.51 10.30
C GLU A 63 -15.14 -9.26 10.48
N ASN A 64 -15.74 -8.11 10.19
CA ASN A 64 -15.15 -6.81 10.56
C ASN A 64 -13.75 -6.56 10.01
N LEU A 65 -13.61 -6.77 8.70
CA LEU A 65 -12.37 -6.52 7.98
C LEU A 65 -12.44 -5.20 7.19
N ASP A 66 -11.26 -4.65 6.88
CA ASP A 66 -11.11 -3.61 5.85
C ASP A 66 -10.30 -4.22 4.72
N VAL A 67 -10.48 -3.70 3.51
CA VAL A 67 -9.65 -4.15 2.39
C VAL A 67 -9.28 -3.00 1.48
N PHE A 68 -7.99 -2.95 1.14
CA PHE A 68 -7.49 -1.99 0.18
C PHE A 68 -7.33 -2.72 -1.14
N VAL A 69 -8.10 -2.29 -2.13
CA VAL A 69 -8.28 -3.03 -3.39
C VAL A 69 -7.59 -2.34 -4.57
N VAL A 70 -6.68 -3.06 -5.23
CA VAL A 70 -6.10 -2.62 -6.50
C VAL A 70 -6.34 -3.75 -7.50
N ARG A 71 -7.19 -3.54 -8.50
CA ARG A 71 -7.44 -4.63 -9.46
C ARG A 71 -6.21 -4.88 -10.34
N GLU A 72 -5.89 -6.15 -10.60
CA GLU A 72 -4.62 -6.55 -11.24
C GLU A 72 -4.64 -6.65 -12.76
N GLY A 73 -5.84 -6.53 -13.32
CA GLY A 73 -6.03 -6.46 -14.76
C GLY A 73 -7.47 -6.04 -14.97
N SER A 74 -7.87 -5.91 -16.23
CA SER A 74 -9.26 -5.68 -16.56
C SER A 74 -9.68 -6.67 -17.66
N GLY A 75 -10.74 -7.43 -17.41
CA GLY A 75 -11.55 -7.25 -16.21
C GLY A 75 -11.86 -8.49 -15.38
N ARG A 76 -12.89 -9.21 -15.80
CA ARG A 76 -13.58 -10.19 -14.93
C ARG A 76 -12.86 -11.51 -14.63
N GLN A 77 -11.77 -11.81 -15.33
CA GLN A 77 -10.99 -13.03 -15.07
C GLN A 77 -10.39 -13.04 -13.65
N ALA A 78 -10.21 -14.24 -13.09
CA ALA A 78 -9.77 -14.40 -11.70
C ALA A 78 -8.30 -14.01 -11.46
N ASP A 79 -7.48 -14.08 -12.51
CA ASP A 79 -6.09 -13.66 -12.42
C ASP A 79 -5.95 -12.14 -12.29
N ASN A 80 -7.08 -11.44 -12.45
CA ASN A 80 -7.13 -9.99 -12.32
C ASN A 80 -7.58 -9.52 -10.94
N ASN A 81 -7.88 -10.47 -10.05
CA ASN A 81 -8.27 -10.17 -8.68
C ASN A 81 -7.21 -9.40 -7.91
N SER A 82 -7.64 -8.53 -7.00
CA SER A 82 -6.69 -7.82 -6.13
C SER A 82 -5.97 -8.81 -5.22
N ILE A 83 -4.78 -8.43 -4.77
CA ILE A 83 -3.91 -9.31 -3.98
C ILE A 83 -3.62 -8.69 -2.63
N GLY A 84 -3.89 -9.43 -1.55
CA GLY A 84 -3.59 -8.95 -0.20
C GLY A 84 -4.41 -7.74 0.22
N GLY A 85 -3.81 -6.89 1.06
CA GLY A 85 -4.46 -5.65 1.51
C GLY A 85 -5.61 -5.79 2.49
N ILE A 86 -5.76 -6.97 3.11
CA ILE A 86 -6.82 -7.17 4.13
C ILE A 86 -6.28 -6.91 5.55
N THR A 87 -7.08 -6.18 6.34
CA THR A 87 -6.70 -5.85 7.72
C THR A 87 -7.95 -5.96 8.59
N LYS A 88 -7.74 -6.03 9.90
CA LYS A 88 -8.85 -5.85 10.81
C LYS A 88 -9.26 -4.38 10.79
N THR A 89 -10.56 -4.13 10.83
CA THR A 89 -11.04 -2.76 10.89
C THR A 89 -10.72 -2.12 12.26
N ASN A 90 -10.81 -0.80 12.34
CA ASN A 90 -10.59 -0.12 13.63
C ASN A 90 -11.58 -0.53 14.70
N ARG A 91 -11.17 -0.38 15.96
CA ARG A 91 -12.06 -0.68 17.08
C ARG A 91 -13.39 0.08 17.01
N THR A 92 -13.31 1.37 16.63
CA THR A 92 -14.51 2.14 16.32
C THR A 92 -14.42 2.63 14.89
N GLN A 93 -15.55 3.13 14.38
CA GLN A 93 -15.57 3.66 13.03
C GLN A 93 -15.43 5.17 13.04
N HIS A 94 -14.86 5.71 14.13
CA HIS A 94 -14.60 7.14 14.20
C HIS A 94 -13.64 7.59 13.09
N ILE A 95 -13.73 8.86 12.74
CA ILE A 95 -13.02 9.44 11.59
C ILE A 95 -11.65 10.05 11.93
N ASP A 96 -11.30 10.08 13.22
CA ASP A 96 -10.07 10.73 13.67
C ASP A 96 -8.85 9.94 13.24
N THR A 97 -7.71 10.61 13.10
CA THR A 97 -6.43 9.91 12.93
C THR A 97 -6.14 9.10 14.19
N VAL A 98 -5.40 8.00 14.01
CA VAL A 98 -4.92 7.23 15.15
C VAL A 98 -3.42 7.44 15.41
N GLN A 99 -2.73 8.00 14.42
CA GLN A 99 -1.31 8.35 14.54
C GLN A 99 -0.99 9.43 13.50
N ASN A 100 0.01 10.25 13.80
CA ASN A 100 0.52 11.23 12.83
C ASN A 100 2.04 11.18 12.84
N VAL A 101 2.65 11.06 11.66
CA VAL A 101 4.10 10.87 11.63
C VAL A 101 4.75 11.81 10.64
N ASN A 102 6.04 12.07 10.85
CA ASN A 102 6.81 12.85 9.91
C ASN A 102 7.06 12.03 8.65
N LEU A 103 6.82 12.67 7.51
CA LEU A 103 7.21 12.15 6.20
C LEU A 103 8.31 13.07 5.67
N LEU A 104 9.48 12.48 5.44
CA LEU A 104 10.63 13.23 4.94
C LEU A 104 10.96 12.72 3.55
N VAL A 105 10.97 13.64 2.58
CA VAL A 105 11.29 13.28 1.20
C VAL A 105 12.54 14.06 0.79
N SER A 106 13.61 13.33 0.51
CA SER A 106 14.87 13.97 0.15
C SER A 106 15.19 13.60 -1.29
N LYS A 107 15.39 14.61 -2.12
CA LYS A 107 15.61 14.37 -3.53
C LYS A 107 16.87 15.07 -3.98
N SER A 108 17.73 14.33 -4.68
CA SER A 108 18.84 14.93 -5.37
C SER A 108 18.30 15.72 -6.56
N THR A 109 18.63 17.01 -6.60
CA THR A 109 18.12 17.89 -7.64
C THR A 109 19.24 18.33 -8.59
N GLY A 110 20.43 17.77 -8.38
CA GLY A 110 21.64 18.19 -9.10
C GLY A 110 22.88 17.61 -8.44
N GLN A 111 24.04 17.82 -9.08
CA GLN A 111 25.31 17.29 -8.57
C GLN A 111 25.56 17.68 -7.12
N HIS A 112 25.29 18.95 -6.78
CA HIS A 112 25.60 19.48 -5.45
C HIS A 112 24.39 19.89 -4.61
N THR A 113 23.18 19.65 -5.11
CA THR A 113 21.97 20.17 -4.48
C THR A 113 20.98 19.08 -4.10
N THR A 114 20.33 19.27 -2.96
CA THR A 114 19.29 18.35 -2.48
C THR A 114 18.08 19.19 -2.05
N SER A 115 16.88 18.69 -2.32
CA SER A 115 15.70 19.33 -1.76
C SER A 115 15.10 18.38 -0.74
N VAL A 116 14.67 18.93 0.39
CA VAL A 116 14.14 18.16 1.49
C VAL A 116 12.76 18.70 1.83
N THR A 117 11.76 17.82 1.77
CA THR A 117 10.38 18.19 2.09
C THR A 117 9.95 17.43 3.34
N SER A 118 9.45 18.15 4.34
CA SER A 118 9.09 17.58 5.62
C SER A 118 7.65 17.94 5.93
N THR A 119 6.80 16.93 6.09
CA THR A 119 5.36 17.16 6.28
C THR A 119 4.82 16.14 7.28
N ASN A 120 3.60 16.38 7.76
CA ASN A 120 2.90 15.41 8.57
C ASN A 120 2.14 14.42 7.67
N TYR A 121 2.21 13.14 8.01
CA TYR A 121 1.46 12.12 7.27
C TYR A 121 0.47 11.46 8.22
N SER A 122 -0.82 11.55 7.89
CA SER A 122 -1.88 11.06 8.76
C SER A 122 -2.08 9.57 8.59
N ILE A 123 -2.22 8.89 9.72
CA ILE A 123 -2.55 7.47 9.76
C ILE A 123 -3.93 7.31 10.38
N TYR A 124 -4.81 6.65 9.65
CA TYR A 124 -6.19 6.45 10.10
C TYR A 124 -6.50 5.05 10.59
N LYS A 125 -5.68 4.08 10.19
CA LYS A 125 -5.95 2.69 10.51
C LYS A 125 -5.03 2.12 11.57
N GLU A 126 -5.64 1.47 12.55
CA GLU A 126 -4.91 0.83 13.62
C GLU A 126 -4.08 -0.34 13.09
N GLU A 127 -4.62 -1.06 12.09
CA GLU A 127 -3.87 -2.11 11.39
C GLU A 127 -3.89 -1.76 9.92
N ILE A 128 -2.70 -1.60 9.34
CA ILE A 128 -2.59 -1.17 7.94
C ILE A 128 -1.69 -2.13 7.17
N SER A 129 -2.06 -2.38 5.91
CA SER A 129 -1.28 -3.28 5.07
C SER A 129 -0.12 -2.55 4.41
N LEU A 130 0.97 -3.29 4.16
CA LEU A 130 2.06 -2.74 3.35
C LEU A 130 1.53 -2.38 1.95
N LYS A 131 0.56 -3.16 1.44
CA LYS A 131 -0.08 -2.82 0.17
C LYS A 131 -0.56 -1.37 0.12
N GLU A 132 -1.35 -0.98 1.12
CA GLU A 132 -1.94 0.35 1.17
C GLU A 132 -0.87 1.42 1.37
N LEU A 133 0.06 1.20 2.31
CA LEU A 133 1.11 2.21 2.52
C LEU A 133 1.90 2.41 1.24
N ASP A 134 2.30 1.31 0.60
CA ASP A 134 3.07 1.38 -0.64
C ASP A 134 2.32 2.14 -1.72
N PHE A 135 1.06 1.76 -1.95
CA PHE A 135 0.32 2.34 -3.07
C PHE A 135 0.05 3.81 -2.86
N LYS A 136 -0.37 4.15 -1.63
CA LYS A 136 -0.71 5.52 -1.31
C LYS A 136 0.49 6.45 -1.19
N LEU A 137 1.61 5.94 -0.68
CA LEU A 137 2.82 6.76 -0.64
C LEU A 137 3.35 7.02 -2.04
N ARG A 138 3.30 6.00 -2.90
CA ARG A 138 3.71 6.23 -4.29
C ARG A 138 2.78 7.24 -4.96
N LYS A 139 1.48 7.16 -4.67
CA LYS A 139 0.52 8.14 -5.19
C LYS A 139 0.96 9.57 -4.80
N HIS A 140 1.31 9.73 -3.54
CA HIS A 140 1.80 11.03 -3.04
C HIS A 140 3.04 11.46 -3.84
N LEU A 141 3.99 10.55 -3.98
CA LEU A 141 5.25 10.88 -4.66
C LEU A 141 5.09 11.15 -6.16
N ILE A 142 4.16 10.44 -6.79
CA ILE A 142 3.85 10.68 -8.19
C ILE A 142 3.20 12.08 -8.36
N ASP A 143 2.32 12.41 -7.42
CA ASP A 143 1.55 13.66 -7.46
CA ASP A 143 1.54 13.67 -7.46
C ASP A 143 2.39 14.90 -7.14
N LYS A 144 3.29 14.75 -6.16
CA LYS A 144 4.00 15.89 -5.56
C LYS A 144 5.49 15.96 -5.84
N HIS A 145 6.09 14.82 -6.16
CA HIS A 145 7.55 14.73 -6.27
C HIS A 145 8.03 14.15 -7.60
N ASP A 146 7.15 14.14 -8.59
CA ASP A 146 7.50 13.74 -9.97
C ASP A 146 8.06 12.32 -10.06
N LEU A 147 7.68 11.44 -9.13
CA LEU A 147 8.12 10.05 -9.22
C LEU A 147 7.73 9.45 -10.57
N TYR A 148 8.69 8.76 -11.18
CA TYR A 148 8.53 8.10 -12.49
C TYR A 148 8.48 9.04 -13.70
N LYS A 149 8.75 10.34 -13.50
CA LYS A 149 9.05 11.23 -14.64
C LYS A 149 10.51 11.09 -15.06
N THR A 150 11.29 10.40 -14.21
CA THR A 150 12.69 10.09 -14.44
C THR A 150 12.91 8.65 -13.95
N GLU A 151 14.04 8.05 -14.32
CA GLU A 151 14.38 6.73 -13.80
C GLU A 151 14.50 6.73 -12.28
N PRO A 152 13.78 5.82 -11.60
CA PRO A 152 13.84 5.77 -10.13
C PRO A 152 15.15 5.30 -9.54
N LYS A 153 15.91 4.52 -10.31
CA LYS A 153 17.21 3.99 -9.85
C LYS A 153 17.04 3.34 -8.49
N ASP A 154 17.86 3.70 -7.50
CA ASP A 154 17.83 3.00 -6.23
C ASP A 154 16.98 3.70 -5.17
N SER A 155 16.06 4.57 -5.63
CA SER A 155 15.15 5.29 -4.74
CA SER A 155 15.18 5.30 -4.72
C SER A 155 14.30 4.34 -3.91
N LYS A 156 13.97 4.76 -2.68
CA LYS A 156 13.16 3.89 -1.83
C LYS A 156 12.36 4.66 -0.78
N ILE A 157 11.30 4.01 -0.32
CA ILE A 157 10.50 4.46 0.83
C ILE A 157 10.88 3.56 1.99
N ARG A 158 11.10 4.14 3.17
CA ARG A 158 11.29 3.33 4.37
C ARG A 158 10.36 3.78 5.49
N VAL A 159 9.57 2.83 6.00
CA VAL A 159 8.65 3.06 7.11
C VAL A 159 9.31 2.47 8.36
N THR A 160 9.60 3.31 9.35
CA THR A 160 10.30 2.86 10.55
C THR A 160 9.36 2.84 11.74
N MET A 161 9.47 1.78 12.56
CA MET A 161 8.57 1.57 13.71
C MET A 161 9.20 2.06 15.00
N LYS A 162 8.38 2.15 16.04
CA LYS A 162 8.83 2.63 17.34
C LYS A 162 9.87 1.70 18.01
N ASN A 163 9.84 0.42 17.66
CA ASN A 163 10.83 -0.54 18.14
C ASN A 163 12.09 -0.58 17.27
N GLY A 164 12.14 0.26 16.25
CA GLY A 164 13.30 0.31 15.35
C GLY A 164 13.22 -0.60 14.13
N ASP A 165 12.19 -1.46 14.08
CA ASP A 165 11.94 -2.29 12.89
C ASP A 165 11.66 -1.38 11.72
N PHE A 166 11.92 -1.85 10.50
CA PHE A 166 11.47 -1.07 9.35
C PHE A 166 11.02 -1.92 8.18
N TYR A 167 10.36 -1.26 7.24
CA TYR A 167 9.82 -1.85 6.01
C TYR A 167 10.17 -0.95 4.85
N THR A 168 10.72 -1.56 3.80
CA THR A 168 11.24 -0.80 2.68
C THR A 168 10.49 -1.12 1.39
N PHE A 169 10.14 -0.08 0.64
CA PHE A 169 9.58 -0.25 -0.69
C PHE A 169 10.56 0.33 -1.69
N GLU A 170 11.23 -0.56 -2.43
CA GLU A 170 12.16 -0.11 -3.46
C GLU A 170 11.35 0.40 -4.64
N LEU A 171 11.61 1.63 -5.06
CA LEU A 171 10.71 2.29 -6.02
C LEU A 171 10.93 1.84 -7.49
N ASN A 172 12.01 1.09 -7.74
CA ASN A 172 12.29 0.62 -9.12
C ASN A 172 11.61 -0.72 -9.43
N LYS A 173 10.75 -1.16 -8.51
CA LYS A 173 9.98 -2.39 -8.73
C LYS A 173 8.64 -2.27 -8.01
N LYS A 174 7.66 -3.06 -8.45
CA LYS A 174 6.40 -3.11 -7.68
C LYS A 174 6.65 -3.72 -6.30
N LEU A 175 5.78 -3.42 -5.34
CA LEU A 175 5.80 -4.19 -4.09
C LEU A 175 5.61 -5.66 -4.46
N GLN A 176 6.48 -6.52 -3.92
CA GLN A 176 6.37 -7.96 -4.22
C GLN A 176 5.00 -8.49 -3.78
N THR A 177 4.39 -9.33 -4.60
CA THR A 177 3.04 -9.79 -4.30
C THR A 177 2.92 -10.49 -2.93
N HIS A 178 3.96 -11.23 -2.55
CA HIS A 178 3.91 -11.96 -1.26
C HIS A 178 4.00 -11.07 -0.04
N ARG A 179 4.25 -9.77 -0.26
CA ARG A 179 4.32 -8.79 0.83
C ARG A 179 3.04 -7.96 0.95
N MET A 180 2.14 -8.12 -0.02
CA MET A 180 0.94 -7.26 -0.08
C MET A 180 -0.03 -7.50 1.06
N GLY A 181 -0.02 -8.71 1.61
CA GLY A 181 -0.91 -9.04 2.73
C GLY A 181 -0.24 -8.88 4.08
N ASP A 182 1.01 -8.41 4.10
CA ASP A 182 1.69 -8.13 5.36
C ASP A 182 1.09 -6.91 6.03
N VAL A 183 0.89 -6.99 7.34
CA VAL A 183 0.23 -5.87 8.04
C VAL A 183 1.07 -5.42 9.23
N ILE A 184 0.85 -4.16 9.61
CA ILE A 184 1.55 -3.57 10.75
C ILE A 184 0.59 -2.75 11.57
N ASP A 185 0.98 -2.40 12.79
CA ASP A 185 0.18 -1.52 13.62
C ASP A 185 0.49 -0.08 13.22
N GLY A 186 -0.50 0.61 12.65
CA GLY A 186 -0.30 1.98 12.17
C GLY A 186 0.15 2.92 13.28
N ARG A 187 -0.27 2.62 14.51
CA ARG A 187 0.08 3.46 15.66
C ARG A 187 1.53 3.28 16.12
N ASN A 188 2.16 2.17 15.72
CA ASN A 188 3.58 1.93 16.01
C ASN A 188 4.53 2.47 14.93
N ILE A 189 3.98 3.11 13.90
CA ILE A 189 4.82 3.78 12.90
C ILE A 189 5.44 5.02 13.57
N GLU A 190 6.77 5.14 13.45
CA GLU A 190 7.50 6.28 14.02
C GLU A 190 7.66 7.41 12.99
N LYS A 191 8.06 7.04 11.78
CA LYS A 191 8.40 8.02 10.74
C LYS A 191 8.45 7.33 9.38
N ILE A 192 8.41 8.14 8.34
CA ILE A 192 8.53 7.64 6.98
C ILE A 192 9.57 8.50 6.26
N GLU A 193 10.51 7.85 5.59
CA GLU A 193 11.60 8.54 4.89
C GLU A 193 11.68 8.05 3.48
N VAL A 194 11.80 9.01 2.55
CA VAL A 194 11.89 8.69 1.14
C VAL A 194 13.14 9.33 0.58
N ASN A 195 13.93 8.53 -0.13
CA ASN A 195 15.10 9.02 -0.83
C ASN A 195 14.90 8.89 -2.31
N LEU A 196 14.93 10.01 -3.01
CA LEU A 196 14.76 10.06 -4.47
C LEU A 196 16.00 10.58 -5.16
C1 NDG B . 12.39 -12.70 -2.05
C2 NDG B . 13.01 -11.55 -2.84
C3 NDG B . 13.77 -10.56 -1.95
C4 NDG B . 12.89 -10.13 -0.78
C5 NDG B . 12.35 -11.38 -0.07
C6 NDG B . 11.47 -11.04 1.13
C7 NDG B . 13.58 -12.02 -5.16
C8 NDG B . 14.60 -12.63 -6.09
O5 NDG B . 11.60 -12.17 -0.98
O3 NDG B . 14.17 -9.42 -2.67
O4 NDG B . 13.69 -9.38 0.12
O6 NDG B . 10.34 -10.29 0.72
O7 NDG B . 12.55 -11.52 -5.61
N2 NDG B . 13.90 -12.09 -3.86
O1 NDG B . 13.41 -13.54 -1.54
C1 GAL B . 13.08 -8.16 0.60
C2 GAL B . 13.70 -7.88 1.98
C3 GAL B . 13.22 -6.54 2.52
C4 GAL B . 13.44 -5.42 1.50
C5 GAL B . 12.82 -5.82 0.16
C6 GAL B . 13.10 -4.78 -0.90
O2 GAL B . 13.35 -8.89 2.92
O3 GAL B . 13.92 -6.28 3.71
O4 GAL B . 14.84 -5.21 1.39
O5 GAL B . 13.30 -7.09 -0.30
O6 GAL B . 12.49 -5.12 -2.12
C1 SIA B . 12.74 -4.34 4.49
C2 SIA B . 13.22 -5.74 4.84
C3 SIA B . 14.24 -5.81 5.99
C4 SIA B . 13.57 -5.53 7.35
C5 SIA B . 12.32 -6.41 7.55
C6 SIA B . 11.40 -6.23 6.34
C7 SIA B . 10.11 -7.03 6.43
C8 SIA B . 9.34 -6.98 5.11
C9 SIA B . 7.92 -7.50 5.29
C10 SIA B . 11.43 -6.65 9.85
C11 SIA B . 12.03 -8.03 9.87
N5 SIA B . 11.60 -5.93 8.75
O1A SIA B . 11.57 -4.18 4.08
O1B SIA B . 13.54 -3.38 4.57
O4 SIA B . 14.52 -5.76 8.39
O6 SIA B . 12.12 -6.61 5.14
O7 SIA B . 10.47 -8.40 6.73
O8 SIA B . 9.31 -5.62 4.61
O9 SIA B . 7.29 -7.54 3.99
O10 SIA B . 10.81 -6.22 10.84
C1 FUC B . 15.56 -9.44 -3.07
C2 FUC B . 15.77 -8.35 -4.14
C3 FUC B . 15.67 -6.97 -3.48
C4 FUC B . 16.63 -6.86 -2.28
C5 FUC B . 16.39 -8.02 -1.31
C6 FUC B . 17.33 -8.00 -0.12
O2 FUC B . 14.81 -8.48 -5.18
O3 FUC B . 15.92 -5.95 -4.43
O4 FUC B . 17.99 -6.84 -2.71
O5 FUC B . 16.49 -9.27 -2.00
K K C . 3.74 10.68 16.25
K K D . 5.40 2.71 -24.29
K K E . 22.96 15.76 -4.76
C1 CIT F . 4.53 -1.00 -24.68
O1 CIT F . 5.18 -2.02 -24.97
O2 CIT F . 4.93 0.11 -25.10
C2 CIT F . 3.29 -1.11 -23.81
C3 CIT F . 2.59 0.23 -23.51
O7 CIT F . 3.49 1.13 -22.79
C4 CIT F . 1.35 -0.03 -22.67
C5 CIT F . 0.68 1.25 -22.20
O3 CIT F . 1.32 2.30 -22.05
O4 CIT F . -0.55 1.24 -21.94
C6 CIT F . 2.19 0.90 -24.83
O5 CIT F . 1.53 0.28 -25.70
O6 CIT F . 2.54 2.08 -25.06
#